data_6NNH
#
_entry.id   6NNH
#
_cell.length_a   60.319
_cell.length_b   71.245
_cell.length_c   72.219
_cell.angle_alpha   90.000
_cell.angle_beta   90.000
_cell.angle_gamma   90.000
#
_symmetry.space_group_name_H-M   'P 21 21 21'
#
loop_
_entity.id
_entity.type
_entity.pdbx_description
1 polymer 'Dihydrofolate reductase'
2 non-polymer 1-(4-chlorophenyl)-6,6-dimethyl-1,6-dihydro-1,3,5-triazine-2,4-diamine
3 non-polymer 'NADPH DIHYDRO-NICOTINAMIDE-ADENINE-DINUCLEOTIDE PHOSPHATE'
4 non-polymer 'SULFATE ION'
5 non-polymer 'COBALT (II) ION'
6 non-polymer GLYCEROL
7 water water
#
_entity_poly.entity_id   1
_entity_poly.type   'polypeptide(L)'
_entity_poly.pdbx_seq_one_letter_code
;MVGLIWAQATSGVIGRGGDIPWRLPEDQAHFREITMGHTIVMGRRTWDSLPAKVRPLPGRRNVVLSRQADFMASGAEVVG
SLEEALTSPETWVIGGGQVYALALPYATRCEVTEVDIGLPREAGDALAPVLDETWRGETGEWRFSRSGLRYRLYSYHRS
;
_entity_poly.pdbx_strand_id   A,B
#
# COMPACT_ATOMS: atom_id res chain seq x y z
N MET A 1 5.62 0.83 8.66
CA MET A 1 4.69 0.04 7.86
C MET A 1 5.15 -1.40 7.85
N VAL A 2 4.36 -2.30 8.44
CA VAL A 2 4.51 -3.74 8.26
C VAL A 2 3.39 -4.26 7.37
N GLY A 3 3.77 -4.89 6.28
CA GLY A 3 2.81 -5.51 5.38
C GLY A 3 3.05 -7.01 5.37
N LEU A 4 1.99 -7.76 5.06
CA LEU A 4 2.07 -9.19 4.83
C LEU A 4 1.83 -9.43 3.35
N ILE A 5 2.59 -10.33 2.74
CA ILE A 5 2.37 -10.65 1.33
C ILE A 5 2.42 -12.16 1.18
N TRP A 6 1.38 -12.72 0.55
CA TRP A 6 1.28 -14.16 0.36
C TRP A 6 0.43 -14.45 -0.86
N ALA A 7 0.57 -15.69 -1.35
CA ALA A 7 -0.32 -16.23 -2.36
C ALA A 7 -1.03 -17.43 -1.77
N GLN A 8 -2.34 -17.51 -1.98
CA GLN A 8 -3.12 -18.60 -1.42
C GLN A 8 -4.00 -19.24 -2.47
N ALA A 9 -4.27 -20.53 -2.30
CA ALA A 9 -5.41 -21.12 -2.98
C ALA A 9 -6.70 -20.49 -2.44
N THR A 10 -7.78 -20.67 -3.19
CA THR A 10 -9.07 -20.17 -2.74
C THR A 10 -9.42 -20.71 -1.36
N SER A 11 -8.97 -21.91 -1.03
CA SER A 11 -9.26 -22.53 0.26
C SER A 11 -8.47 -21.91 1.41
N GLY A 12 -7.42 -21.14 1.14
CA GLY A 12 -6.57 -20.59 2.16
C GLY A 12 -5.23 -21.27 2.31
N VAL A 13 -5.01 -22.40 1.64
CA VAL A 13 -3.71 -23.06 1.70
C VAL A 13 -2.65 -22.17 1.08
N ILE A 14 -1.52 -22.00 1.78
CA ILE A 14 -0.36 -21.34 1.21
C ILE A 14 0.84 -22.26 1.06
N GLY A 15 0.90 -23.38 1.77
CA GLY A 15 2.06 -24.24 1.68
C GLY A 15 1.70 -25.66 2.06
N ARG A 16 2.47 -26.61 1.52
CA ARG A 16 2.24 -28.02 1.75
C ARG A 16 3.56 -28.75 1.58
N GLY A 17 3.89 -29.63 2.54
CA GLY A 17 5.14 -30.39 2.49
C GLY A 17 6.38 -29.52 2.53
N GLY A 18 6.28 -28.32 3.09
CA GLY A 18 7.39 -27.40 3.16
C GLY A 18 7.65 -26.62 1.89
N ASP A 19 6.77 -26.72 0.91
CA ASP A 19 6.91 -25.98 -0.34
C ASP A 19 5.52 -25.49 -0.73
N ILE A 20 5.36 -25.10 -2.00
CA ILE A 20 4.14 -24.47 -2.50
C ILE A 20 3.64 -25.27 -3.69
N PRO A 21 2.37 -25.67 -3.74
CA PRO A 21 1.91 -26.54 -4.82
C PRO A 21 1.45 -25.83 -6.09
N TRP A 22 2.13 -24.72 -6.41
CA TRP A 22 1.93 -23.99 -7.67
C TRP A 22 3.11 -23.05 -7.82
N ARG A 23 3.21 -22.43 -9.00
CA ARG A 23 4.17 -21.33 -9.18
C ARG A 23 3.66 -20.44 -10.31
N LEU A 24 3.24 -19.23 -9.99
CA LEU A 24 2.77 -18.29 -11.02
C LEU A 24 3.86 -17.26 -11.28
N PRO A 25 4.47 -17.23 -12.46
CA PRO A 25 5.53 -16.23 -12.68
C PRO A 25 5.09 -14.81 -12.46
N GLU A 26 3.83 -14.49 -12.80
CA GLU A 26 3.32 -13.15 -12.60
C GLU A 26 3.22 -12.81 -11.12
N ASP A 27 2.88 -13.80 -10.29
CA ASP A 27 2.84 -13.57 -8.85
C ASP A 27 4.25 -13.42 -8.30
N GLN A 28 5.19 -14.20 -8.81
CA GLN A 28 6.58 -14.04 -8.38
C GLN A 28 7.08 -12.64 -8.71
N ALA A 29 6.74 -12.13 -9.91
CA ALA A 29 7.17 -10.78 -10.28
C ALA A 29 6.51 -9.72 -9.42
N HIS A 30 5.22 -9.90 -9.12
CA HIS A 30 4.51 -9.00 -8.22
C HIS A 30 5.15 -9.00 -6.83
N PHE A 31 5.47 -10.19 -6.32
CA PHE A 31 6.14 -10.29 -5.04
C PHE A 31 7.47 -9.56 -5.06
N ARG A 32 8.26 -9.75 -6.12
CA ARG A 32 9.56 -9.10 -6.19
C ARG A 32 9.43 -7.59 -6.22
N GLU A 33 8.48 -7.08 -6.99
CA GLU A 33 8.32 -5.62 -7.07
C GLU A 33 7.89 -5.01 -5.74
N ILE A 34 6.94 -5.63 -5.05
CA ILE A 34 6.44 -5.07 -3.81
C ILE A 34 7.51 -5.10 -2.72
N THR A 35 8.35 -6.14 -2.70
CA THR A 35 9.31 -6.26 -1.61
C THR A 35 10.65 -5.61 -1.91
N MET A 36 10.98 -5.37 -3.18
CA MET A 36 12.32 -4.95 -3.56
C MET A 36 12.73 -3.69 -2.80
N GLY A 37 13.96 -3.71 -2.26
CA GLY A 37 14.52 -2.58 -1.54
C GLY A 37 14.21 -2.55 -0.06
N HIS A 38 13.26 -3.36 0.39
CA HIS A 38 12.73 -3.29 1.75
C HIS A 38 13.23 -4.47 2.57
N THR A 39 12.86 -4.47 3.86
CA THR A 39 13.10 -5.62 4.71
C THR A 39 12.11 -6.71 4.38
N ILE A 40 12.59 -7.96 4.30
CA ILE A 40 11.70 -9.11 4.20
C ILE A 40 11.96 -10.00 5.40
N VAL A 41 10.89 -10.41 6.07
CA VAL A 41 10.97 -11.24 7.26
C VAL A 41 10.29 -12.56 6.95
N MET A 42 10.98 -13.67 7.23
CA MET A 42 10.45 -14.98 6.93
C MET A 42 10.74 -15.92 8.09
N GLY A 43 9.89 -16.93 8.26
CA GLY A 43 10.20 -17.98 9.21
C GLY A 43 11.33 -18.87 8.73
N ARG A 44 11.96 -19.58 9.68
CA ARG A 44 13.10 -20.41 9.32
C ARG A 44 12.73 -21.49 8.29
N ARG A 45 11.52 -22.04 8.37
CA ARG A 45 11.15 -23.07 7.39
C ARG A 45 11.02 -22.48 6.00
N THR A 46 10.60 -21.21 5.89
CA THR A 46 10.54 -20.58 4.58
C THR A 46 11.93 -20.27 4.04
N TRP A 47 12.84 -19.85 4.91
CA TRP A 47 14.23 -19.73 4.51
C TRP A 47 14.77 -21.06 3.98
N ASP A 48 14.46 -22.16 4.68
CA ASP A 48 14.93 -23.47 4.25
C ASP A 48 14.38 -23.86 2.90
N SER A 49 13.19 -23.36 2.54
CA SER A 49 12.59 -23.68 1.25
C SER A 49 13.31 -23.02 0.06
N LEU A 50 14.10 -21.98 0.30
CA LEU A 50 14.83 -21.32 -0.78
C LEU A 50 16.12 -22.07 -1.08
N PRO A 51 16.39 -22.42 -2.33
CA PRO A 51 17.70 -23.01 -2.65
C PRO A 51 18.81 -22.05 -2.24
N ALA A 52 19.94 -22.63 -1.77
CA ALA A 52 21.04 -21.78 -1.32
C ALA A 52 21.51 -20.83 -2.41
N LYS A 53 21.37 -21.21 -3.68
CA LYS A 53 21.90 -20.39 -4.76
C LYS A 53 21.04 -19.18 -5.06
N VAL A 54 19.84 -19.07 -4.47
CA VAL A 54 19.01 -17.90 -4.71
C VAL A 54 18.87 -17.04 -3.47
N ARG A 55 19.42 -17.46 -2.33
CA ARG A 55 19.28 -16.65 -1.14
C ARG A 55 20.63 -16.05 -0.75
N PRO A 56 20.64 -14.85 -0.15
CA PRO A 56 19.46 -14.06 0.17
C PRO A 56 18.78 -13.48 -1.05
N LEU A 57 17.49 -13.20 -0.94
CA LEU A 57 16.78 -12.60 -2.06
C LEU A 57 17.37 -11.21 -2.31
N PRO A 58 17.73 -10.90 -3.55
CA PRO A 58 18.56 -9.70 -3.81
C PRO A 58 17.83 -8.39 -3.56
N GLY A 59 18.62 -7.39 -3.14
CA GLY A 59 18.12 -6.03 -3.01
C GLY A 59 17.27 -5.79 -1.79
N ARG A 60 17.26 -6.73 -0.84
CA ARG A 60 16.38 -6.68 0.31
C ARG A 60 17.15 -7.10 1.56
N ARG A 61 16.80 -6.52 2.70
CA ARG A 61 17.34 -6.96 3.97
C ARG A 61 16.60 -8.23 4.39
N ASN A 62 17.27 -9.39 4.27
CA ASN A 62 16.64 -10.67 4.60
C ASN A 62 16.77 -10.95 6.09
N VAL A 63 15.63 -11.19 6.74
CA VAL A 63 15.57 -11.49 8.17
C VAL A 63 14.84 -12.80 8.37
N VAL A 64 15.40 -13.68 9.19
CA VAL A 64 14.86 -15.02 9.41
C VAL A 64 14.53 -15.16 10.89
N LEU A 65 13.30 -15.60 11.19
CA LEU A 65 12.86 -15.79 12.56
C LEU A 65 13.08 -17.25 12.97
N SER A 66 13.78 -17.46 14.08
CA SER A 66 14.05 -18.80 14.58
C SER A 66 14.17 -18.76 16.10
N ARG A 67 13.79 -19.85 16.76
CA ARG A 67 14.06 -19.99 18.18
C ARG A 67 15.49 -20.47 18.45
N GLN A 68 16.20 -20.91 17.42
CA GLN A 68 17.56 -21.44 17.56
C GLN A 68 18.55 -20.29 17.66
N ALA A 69 19.20 -20.14 18.82
CA ALA A 69 20.08 -19.01 19.05
C ALA A 69 21.31 -19.06 18.15
N ASP A 70 21.72 -20.26 17.71
CA ASP A 70 22.90 -20.40 16.87
C ASP A 70 22.57 -20.76 15.43
N PHE A 71 21.32 -20.61 15.00
CA PHE A 71 21.01 -20.92 13.61
C PHE A 71 21.67 -19.89 12.70
N MET A 72 22.36 -20.37 11.67
CA MET A 72 23.06 -19.49 10.75
C MET A 72 22.33 -19.48 9.42
N ALA A 73 22.02 -18.29 8.94
CA ALA A 73 21.37 -18.08 7.65
C ALA A 73 22.30 -17.17 6.86
N SER A 74 23.15 -17.76 6.03
CA SER A 74 24.17 -16.99 5.36
C SER A 74 23.54 -15.97 4.41
N GLY A 75 23.86 -14.70 4.63
CA GLY A 75 23.27 -13.63 3.87
C GLY A 75 22.06 -12.99 4.51
N ALA A 76 21.65 -13.48 5.66
CA ALA A 76 20.49 -12.95 6.36
C ALA A 76 20.86 -12.68 7.82
N GLU A 77 19.99 -11.92 8.47
CA GLU A 77 19.94 -11.81 9.92
C GLU A 77 19.02 -12.88 10.47
N VAL A 78 19.42 -13.51 11.58
CA VAL A 78 18.54 -14.44 12.28
C VAL A 78 18.16 -13.78 13.60
N VAL A 79 16.85 -13.67 13.85
CA VAL A 79 16.36 -13.04 15.06
C VAL A 79 15.45 -14.02 15.80
N GLY A 80 15.33 -13.79 17.11
CA GLY A 80 14.56 -14.68 17.96
C GLY A 80 13.19 -14.14 18.28
N SER A 81 12.94 -12.90 17.89
CA SER A 81 11.61 -12.32 18.00
C SER A 81 11.33 -11.45 16.79
N LEU A 82 10.06 -11.44 16.39
CA LEU A 82 9.64 -10.66 15.23
C LEU A 82 9.95 -9.18 15.43
N GLU A 83 9.74 -8.69 16.63
CA GLU A 83 9.87 -7.26 16.90
C GLU A 83 11.25 -6.71 16.59
N GLU A 84 12.28 -7.54 16.75
CA GLU A 84 13.64 -7.12 16.41
C GLU A 84 13.79 -6.75 14.95
N ALA A 85 12.93 -7.28 14.08
CA ALA A 85 13.07 -7.09 12.65
C ALA A 85 12.41 -5.81 12.13
N LEU A 86 11.58 -5.15 12.94
CA LEU A 86 10.75 -4.06 12.42
C LEU A 86 11.37 -2.71 12.71
N THR A 87 12.55 -2.46 12.16
CA THR A 87 13.26 -1.21 12.37
C THR A 87 13.41 -0.38 11.10
N SER A 88 12.97 -0.90 9.96
CA SER A 88 13.05 -0.22 8.67
CA SER A 88 13.06 -0.18 8.71
C SER A 88 11.74 0.50 8.37
N PRO A 89 11.77 1.54 7.54
CA PRO A 89 10.52 2.22 7.16
C PRO A 89 9.45 1.31 6.58
N GLU A 90 9.85 0.31 5.81
CA GLU A 90 8.89 -0.57 5.16
C GLU A 90 9.37 -2.01 5.35
N THR A 91 8.54 -2.83 6.00
CA THR A 91 8.88 -4.21 6.31
C THR A 91 7.81 -5.11 5.72
N TRP A 92 8.24 -6.13 4.97
CA TRP A 92 7.31 -7.11 4.41
C TRP A 92 7.55 -8.47 5.06
N VAL A 93 6.52 -9.02 5.66
CA VAL A 93 6.54 -10.38 6.18
C VAL A 93 6.11 -11.30 5.04
N ILE A 94 6.99 -12.22 4.65
CA ILE A 94 6.80 -12.98 3.42
C ILE A 94 6.46 -14.44 3.69
N GLY A 95 6.16 -14.80 4.94
CA GLY A 95 5.69 -16.12 5.33
C GLY A 95 6.66 -16.85 6.23
N GLY A 96 6.30 -18.07 6.62
CA GLY A 96 5.06 -18.74 6.23
C GLY A 96 3.93 -18.61 7.23
N GLY A 97 3.17 -19.71 7.39
CA GLY A 97 1.93 -19.64 8.15
C GLY A 97 2.13 -19.22 9.60
N GLN A 98 3.13 -19.80 10.28
CA GLN A 98 3.37 -19.43 11.67
C GLN A 98 3.75 -17.96 11.78
N VAL A 99 4.58 -17.47 10.87
CA VAL A 99 5.05 -16.11 10.99
C VAL A 99 3.93 -15.10 10.68
N TYR A 100 3.04 -15.39 9.71
CA TYR A 100 1.91 -14.50 9.50
C TYR A 100 1.07 -14.34 10.76
N ALA A 101 0.84 -15.44 11.48
CA ALA A 101 0.04 -15.37 12.70
C ALA A 101 0.70 -14.47 13.74
N LEU A 102 2.04 -14.54 13.85
CA LEU A 102 2.77 -13.70 14.80
C LEU A 102 2.80 -12.25 14.37
N ALA A 103 2.83 -12.01 13.07
CA ALA A 103 3.01 -10.66 12.54
C ALA A 103 1.71 -9.89 12.40
N LEU A 104 0.58 -10.58 12.33
CA LEU A 104 -0.68 -9.89 12.04
C LEU A 104 -0.96 -8.69 12.93
N PRO A 105 -0.74 -8.73 14.25
CA PRO A 105 -1.01 -7.53 15.08
C PRO A 105 -0.18 -6.32 14.69
N TYR A 106 0.96 -6.49 14.02
CA TYR A 106 1.78 -5.37 13.62
C TYR A 106 1.45 -4.87 12.22
N ALA A 107 0.56 -5.56 11.52
CA ALA A 107 0.38 -5.33 10.09
C ALA A 107 -0.74 -4.33 9.81
N THR A 108 -0.50 -3.52 8.80
CA THR A 108 -1.51 -2.61 8.27
C THR A 108 -1.79 -2.80 6.79
N ARG A 109 -1.06 -3.69 6.10
CA ARG A 109 -1.30 -4.02 4.71
C ARG A 109 -1.17 -5.51 4.52
N CYS A 110 -2.05 -6.09 3.72
CA CYS A 110 -1.86 -7.43 3.18
C CYS A 110 -2.02 -7.36 1.69
N GLU A 111 -1.03 -7.89 0.98
CA GLU A 111 -1.05 -8.01 -0.47
C GLU A 111 -1.24 -9.50 -0.77
N VAL A 112 -2.43 -9.87 -1.23
CA VAL A 112 -2.82 -11.26 -1.33
C VAL A 112 -3.03 -11.61 -2.79
N THR A 113 -2.39 -12.68 -3.24
CA THR A 113 -2.70 -13.26 -4.54
C THR A 113 -3.59 -14.46 -4.30
N GLU A 114 -4.79 -14.44 -4.87
CA GLU A 114 -5.66 -15.61 -4.80
C GLU A 114 -5.47 -16.40 -6.09
N VAL A 115 -5.11 -17.67 -5.94
CA VAL A 115 -4.87 -18.57 -7.04
C VAL A 115 -6.10 -19.47 -7.17
N ASP A 116 -6.68 -19.49 -8.37
CA ASP A 116 -7.91 -20.25 -8.62
C ASP A 116 -7.51 -21.71 -8.87
N ILE A 117 -7.10 -22.35 -7.78
CA ILE A 117 -6.78 -23.76 -7.75
C ILE A 117 -7.64 -24.38 -6.65
N GLY A 118 -8.28 -25.50 -6.97
CA GLY A 118 -9.16 -26.20 -6.06
C GLY A 118 -8.36 -27.14 -5.18
N LEU A 119 -7.89 -26.62 -4.06
CA LEU A 119 -6.96 -27.32 -3.17
C LEU A 119 -7.57 -27.43 -1.77
N PRO A 120 -8.27 -28.52 -1.44
CA PRO A 120 -8.82 -28.65 -0.09
C PRO A 120 -7.70 -28.65 0.95
N ARG A 121 -8.02 -28.08 2.11
CA ARG A 121 -7.05 -27.97 3.20
C ARG A 121 -6.79 -29.33 3.82
N GLU A 122 -5.51 -29.60 4.07
CA GLU A 122 -5.04 -30.86 4.63
C GLU A 122 -4.27 -30.59 5.92
N ALA A 123 -4.33 -31.56 6.84
CA ALA A 123 -3.48 -31.50 8.02
C ALA A 123 -2.03 -31.27 7.63
N GLY A 124 -1.38 -30.36 8.35
CA GLY A 124 -0.01 -30.01 8.09
C GLY A 124 0.18 -28.88 7.12
N ASP A 125 -0.86 -28.48 6.39
CA ASP A 125 -0.76 -27.34 5.49
C ASP A 125 -0.47 -26.07 6.27
N ALA A 126 0.27 -25.17 5.63
CA ALA A 126 0.35 -23.78 6.08
C ALA A 126 -0.81 -23.01 5.47
N LEU A 127 -1.43 -22.15 6.29
CA LEU A 127 -2.60 -21.38 5.88
C LEU A 127 -2.35 -19.89 5.95
N ALA A 128 -3.11 -19.17 5.14
CA ALA A 128 -3.18 -17.72 5.25
C ALA A 128 -3.81 -17.34 6.58
N PRO A 129 -3.43 -16.20 7.13
CA PRO A 129 -4.09 -15.71 8.34
C PRO A 129 -5.50 -15.25 8.06
N VAL A 130 -6.35 -15.32 9.08
CA VAL A 130 -7.72 -14.82 8.97
C VAL A 130 -7.71 -13.32 9.26
N LEU A 131 -8.25 -12.54 8.33
CA LEU A 131 -8.31 -11.10 8.47
C LEU A 131 -9.66 -10.75 9.03
N ASP A 132 -9.66 -10.06 10.16
CA ASP A 132 -10.95 -9.72 10.71
C ASP A 132 -11.49 -8.49 9.99
N GLU A 133 -12.60 -8.07 10.50
CA GLU A 133 -13.44 -6.94 10.23
C GLU A 133 -12.83 -5.56 10.50
N THR A 134 -11.60 -5.48 11.06
CA THR A 134 -10.84 -4.21 11.00
C THR A 134 -10.19 -3.95 9.64
N TRP A 135 -10.12 -4.95 8.76
CA TRP A 135 -9.44 -4.81 7.47
C TRP A 135 -10.38 -4.38 6.35
N ARG A 136 -9.91 -3.44 5.52
CA ARG A 136 -10.59 -3.00 4.32
C ARG A 136 -9.93 -3.65 3.12
N GLY A 137 -10.70 -4.33 2.28
CA GLY A 137 -10.15 -5.04 1.13
C GLY A 137 -10.51 -4.38 -0.18
N GLU A 138 -9.58 -4.44 -1.13
CA GLU A 138 -9.80 -4.00 -2.50
C GLU A 138 -9.37 -5.12 -3.45
N THR A 139 -10.26 -5.52 -4.36
CA THR A 139 -10.07 -6.66 -5.23
C THR A 139 -9.79 -6.26 -6.67
N GLY A 140 -8.81 -6.93 -7.31
CA GLY A 140 -8.57 -6.78 -8.73
C GLY A 140 -9.39 -7.80 -9.54
N GLU A 141 -9.36 -7.64 -10.87
CA GLU A 141 -10.01 -8.56 -11.79
C GLU A 141 -9.25 -9.88 -11.88
N TRP A 142 -9.99 -10.95 -12.20
CA TRP A 142 -9.32 -12.22 -12.48
C TRP A 142 -8.44 -12.07 -13.71
N ARG A 143 -7.24 -12.63 -13.62
CA ARG A 143 -6.27 -12.66 -14.72
C ARG A 143 -5.86 -14.08 -14.96
N PHE A 144 -5.38 -14.35 -16.16
CA PHE A 144 -4.82 -15.65 -16.49
C PHE A 144 -3.30 -15.62 -16.38
N SER A 145 -2.74 -16.54 -15.59
CA SER A 145 -1.30 -16.74 -15.56
C SER A 145 -0.88 -17.61 -16.74
N ARG A 146 0.34 -17.38 -17.22
CA ARG A 146 0.86 -18.30 -18.23
C ARG A 146 0.96 -19.73 -17.71
N SER A 147 0.94 -19.92 -16.39
CA SER A 147 0.98 -21.26 -15.84
C SER A 147 -0.35 -22.00 -16.00
N GLY A 148 -1.39 -21.33 -16.49
CA GLY A 148 -2.66 -21.96 -16.77
C GLY A 148 -3.73 -21.69 -15.73
N LEU A 149 -3.33 -21.19 -14.56
CA LEU A 149 -4.24 -20.91 -13.46
C LEU A 149 -4.66 -19.45 -13.51
N ARG A 150 -5.91 -19.18 -13.15
CA ARG A 150 -6.35 -17.80 -12.95
C ARG A 150 -5.93 -17.30 -11.58
N TYR A 151 -5.74 -15.99 -11.48
CA TYR A 151 -5.37 -15.39 -10.21
C TYR A 151 -5.91 -13.98 -10.13
N ARG A 152 -6.01 -13.47 -8.92
CA ARG A 152 -6.36 -12.07 -8.76
C ARG A 152 -5.70 -11.54 -7.52
N LEU A 153 -5.51 -10.23 -7.50
CA LEU A 153 -4.80 -9.56 -6.43
C LEU A 153 -5.79 -8.84 -5.54
N TYR A 154 -5.64 -9.03 -4.23
CA TYR A 154 -6.37 -8.26 -3.23
C TYR A 154 -5.38 -7.37 -2.50
N SER A 155 -5.77 -6.14 -2.20
CA SER A 155 -4.97 -5.29 -1.34
C SER A 155 -5.83 -4.94 -0.12
N TYR A 156 -5.41 -5.40 1.05
CA TYR A 156 -6.11 -5.11 2.30
C TYR A 156 -5.36 -4.05 3.07
N HIS A 157 -6.09 -3.16 3.72
CA HIS A 157 -5.50 -2.05 4.45
C HIS A 157 -6.23 -1.87 5.77
N ARG A 158 -5.50 -1.42 6.78
CA ARG A 158 -6.14 -0.89 7.96
C ARG A 158 -5.22 0.13 8.61
N SER A 159 -5.81 0.97 9.43
CA SER A 159 -5.03 1.99 10.07
C SER A 159 -4.55 1.48 11.44
N MET B 1 8.94 6.15 3.28
CA MET B 1 7.83 6.03 2.35
C MET B 1 7.06 7.35 2.23
N VAL B 2 7.17 7.98 1.07
CA VAL B 2 6.30 9.09 0.67
C VAL B 2 5.31 8.55 -0.34
N GLY B 3 4.03 8.67 -0.04
CA GLY B 3 2.97 8.27 -0.95
C GLY B 3 2.12 9.47 -1.33
N LEU B 4 1.50 9.39 -2.52
CA LEU B 4 0.51 10.36 -2.96
C LEU B 4 -0.85 9.67 -2.98
N ILE B 5 -1.89 10.37 -2.57
CA ILE B 5 -3.24 9.81 -2.63
C ILE B 5 -4.17 10.87 -3.19
N TRP B 6 -4.94 10.51 -4.22
CA TRP B 6 -5.90 11.43 -4.83
C TRP B 6 -7.06 10.65 -5.42
N ALA B 7 -8.15 11.36 -5.68
CA ALA B 7 -9.28 10.87 -6.46
C ALA B 7 -9.42 11.77 -7.67
N GLN B 8 -9.51 11.18 -8.85
CA GLN B 8 -9.61 11.95 -10.08
C GLN B 8 -10.78 11.46 -10.90
N ALA B 9 -11.38 12.36 -11.66
CA ALA B 9 -12.18 11.93 -12.78
C ALA B 9 -11.28 11.23 -13.79
N THR B 10 -11.88 10.44 -14.68
CA THR B 10 -11.09 9.78 -15.72
C THR B 10 -10.26 10.80 -16.50
N SER B 11 -10.79 12.02 -16.66
CA SER B 11 -10.12 13.07 -17.42
C SER B 11 -8.88 13.60 -16.72
N GLY B 12 -8.73 13.32 -15.42
CA GLY B 12 -7.63 13.84 -14.64
C GLY B 12 -7.98 14.99 -13.73
N VAL B 13 -9.18 15.56 -13.84
CA VAL B 13 -9.58 16.65 -12.95
C VAL B 13 -9.68 16.14 -11.52
N ILE B 14 -9.05 16.86 -10.59
CA ILE B 14 -9.23 16.61 -9.16
C ILE B 14 -9.90 17.76 -8.44
N GLY B 15 -9.92 18.97 -8.97
CA GLY B 15 -10.48 20.08 -8.22
C GLY B 15 -10.87 21.21 -9.13
N ARG B 16 -11.85 21.99 -8.69
CA ARG B 16 -12.34 23.13 -9.44
C ARG B 16 -13.03 24.08 -8.48
N GLY B 17 -12.76 25.37 -8.63
CA GLY B 17 -13.42 26.36 -7.80
C GLY B 17 -13.16 26.23 -6.32
N GLY B 18 -12.02 25.66 -5.93
CA GLY B 18 -11.75 25.47 -4.52
C GLY B 18 -12.45 24.28 -3.92
N ASP B 19 -13.03 23.41 -4.73
CA ASP B 19 -13.81 22.29 -4.22
C ASP B 19 -13.50 21.07 -5.08
N ILE B 20 -14.22 19.99 -4.80
CA ILE B 20 -14.12 18.75 -5.54
C ILE B 20 -15.51 18.52 -6.10
N PRO B 21 -15.67 18.41 -7.43
CA PRO B 21 -17.01 18.44 -8.04
C PRO B 21 -17.73 17.11 -8.09
N TRP B 22 -17.67 16.34 -7.01
CA TRP B 22 -18.44 15.11 -6.88
C TRP B 22 -18.47 14.73 -5.40
N ARG B 23 -19.19 13.66 -5.10
CA ARG B 23 -19.20 13.11 -3.76
C ARG B 23 -19.18 11.59 -3.88
N LEU B 24 -18.33 10.97 -3.06
CA LEU B 24 -18.06 9.55 -3.17
CA LEU B 24 -18.07 9.54 -3.17
C LEU B 24 -17.63 9.05 -1.80
N PRO B 25 -18.61 8.70 -0.94
CA PRO B 25 -18.26 8.43 0.47
C PRO B 25 -17.31 7.28 0.67
N GLU B 26 -17.36 6.24 -0.17
CA GLU B 26 -16.43 5.11 -0.03
C GLU B 26 -15.00 5.56 -0.27
N ASP B 27 -14.79 6.52 -1.16
CA ASP B 27 -13.46 7.05 -1.34
C ASP B 27 -13.03 7.90 -0.15
N GLN B 28 -13.94 8.65 0.50
CA GLN B 28 -13.53 9.42 1.67
C GLN B 28 -13.02 8.41 2.71
N ALA B 29 -13.75 7.29 2.88
CA ALA B 29 -13.37 6.30 3.89
C ALA B 29 -12.05 5.63 3.56
N HIS B 30 -11.82 5.36 2.27
CA HIS B 30 -10.54 4.82 1.82
C HIS B 30 -9.41 5.79 2.14
N PHE B 31 -9.64 7.07 1.86
CA PHE B 31 -8.65 8.09 2.17
C PHE B 31 -8.33 8.14 3.66
N ARG B 32 -9.37 8.11 4.49
CA ARG B 32 -9.17 8.14 5.93
CA ARG B 32 -9.17 8.14 5.93
C ARG B 32 -8.35 6.94 6.40
N GLU B 33 -8.67 5.76 5.87
CA GLU B 33 -7.98 4.55 6.33
C GLU B 33 -6.50 4.58 5.96
N ILE B 34 -6.18 5.03 4.75
CA ILE B 34 -4.79 5.01 4.33
CA ILE B 34 -4.80 5.06 4.27
C ILE B 34 -3.98 6.09 5.04
N THR B 35 -4.58 7.24 5.35
CA THR B 35 -3.79 8.33 5.93
C THR B 35 -3.80 8.34 7.46
N MET B 36 -4.77 7.67 8.10
CA MET B 36 -4.94 7.80 9.54
C MET B 36 -3.66 7.42 10.28
N GLY B 37 -3.27 8.26 11.26
CA GLY B 37 -2.09 8.01 12.07
C GLY B 37 -0.81 8.58 11.52
N HIS B 38 -0.78 9.00 10.27
CA HIS B 38 0.46 9.37 9.59
C HIS B 38 0.54 10.88 9.41
N THR B 39 1.68 11.32 8.90
CA THR B 39 1.82 12.70 8.48
C THR B 39 1.10 12.89 7.15
N ILE B 40 0.34 13.98 7.02
CA ILE B 40 -0.27 14.36 5.75
C ILE B 40 0.26 15.73 5.35
N VAL B 41 0.59 15.87 4.06
CA VAL B 41 1.12 17.10 3.50
C VAL B 41 0.13 17.60 2.46
N MET B 42 -0.25 18.87 2.56
CA MET B 42 -1.20 19.48 1.63
C MET B 42 -0.75 20.89 1.27
N GLY B 43 -1.16 21.32 0.08
CA GLY B 43 -0.93 22.72 -0.29
C GLY B 43 -1.85 23.66 0.46
N ARG B 44 -1.43 24.93 0.50
CA ARG B 44 -2.20 25.93 1.23
C ARG B 44 -3.63 26.04 0.70
N ARG B 45 -3.82 25.91 -0.62
CA ARG B 45 -5.19 26.01 -1.13
C ARG B 45 -6.06 24.85 -0.67
N THR B 46 -5.46 23.67 -0.50
CA THR B 46 -6.21 22.52 -0.01
C THR B 46 -6.53 22.67 1.48
N TRP B 47 -5.60 23.19 2.26
CA TRP B 47 -5.90 23.53 3.65
C TRP B 47 -7.08 24.50 3.72
N ASP B 48 -7.07 25.54 2.88
CA ASP B 48 -8.15 26.51 2.89
C ASP B 48 -9.48 25.88 2.46
N SER B 49 -9.43 24.81 1.65
CA SER B 49 -10.65 24.16 1.21
C SER B 49 -11.36 23.42 2.35
N LEU B 50 -10.66 23.12 3.45
CA LEU B 50 -11.30 22.47 4.59
C LEU B 50 -12.01 23.51 5.46
N PRO B 51 -13.28 23.31 5.80
CA PRO B 51 -13.92 24.20 6.78
C PRO B 51 -13.14 24.17 8.09
N ALA B 52 -13.13 25.32 8.78
CA ALA B 52 -12.35 25.43 9.99
C ALA B 52 -12.71 24.34 11.00
N LYS B 53 -13.96 23.89 11.03
CA LYS B 53 -14.37 22.97 12.06
C LYS B 53 -14.03 21.50 11.74
N VAL B 54 -13.46 21.22 10.57
CA VAL B 54 -12.99 19.87 10.26
C VAL B 54 -11.47 19.81 10.09
N ARG B 55 -10.75 20.93 10.14
CA ARG B 55 -9.30 20.92 10.04
C ARG B 55 -8.69 21.33 11.38
N PRO B 56 -7.54 20.76 11.77
CA PRO B 56 -6.76 19.74 11.06
C PRO B 56 -7.49 18.41 10.99
N LEU B 57 -7.15 17.58 10.02
CA LEU B 57 -7.77 16.27 9.91
C LEU B 57 -7.37 15.42 11.13
N PRO B 58 -8.33 14.77 11.78
CA PRO B 58 -8.02 14.14 13.07
C PRO B 58 -7.07 12.97 12.96
N GLY B 59 -6.26 12.80 14.00
CA GLY B 59 -5.41 11.63 14.09
C GLY B 59 -4.22 11.63 13.18
N ARG B 60 -3.92 12.77 12.57
CA ARG B 60 -2.85 12.86 11.58
C ARG B 60 -2.05 14.13 11.86
N ARG B 61 -0.75 14.06 11.58
CA ARG B 61 0.13 15.24 11.69
C ARG B 61 -0.04 16.07 10.41
N ASN B 62 -0.74 17.20 10.52
CA ASN B 62 -1.07 18.03 9.36
C ASN B 62 0.06 19.01 9.07
N VAL B 63 0.52 19.01 7.82
CA VAL B 63 1.56 19.91 7.32
C VAL B 63 1.04 20.62 6.08
N VAL B 64 1.25 21.94 6.02
CA VAL B 64 0.76 22.79 4.94
C VAL B 64 1.92 23.47 4.24
N LEU B 65 1.97 23.40 2.91
CA LEU B 65 2.99 24.05 2.11
C LEU B 65 2.50 25.41 1.60
N SER B 66 3.29 26.46 1.85
CA SER B 66 2.98 27.81 1.40
C SER B 66 4.26 28.56 1.10
N ARG B 67 4.20 29.48 0.13
CA ARG B 67 5.31 30.40 -0.10
C ARG B 67 5.28 31.58 0.86
N GLN B 68 4.17 31.77 1.58
CA GLN B 68 4.02 32.86 2.54
C GLN B 68 4.76 32.49 3.80
N ALA B 69 5.85 33.21 4.11
CA ALA B 69 6.72 32.80 5.20
C ALA B 69 6.02 32.86 6.55
N ASP B 70 5.04 33.76 6.69
CA ASP B 70 4.34 33.95 7.96
C ASP B 70 2.92 33.42 7.92
N PHE B 71 2.60 32.51 6.99
CA PHE B 71 1.26 31.96 6.94
C PHE B 71 0.97 31.15 8.19
N MET B 72 -0.20 31.37 8.79
CA MET B 72 -0.60 30.71 10.02
C MET B 72 -1.70 29.70 9.72
N ALA B 73 -1.50 28.46 10.17
CA ALA B 73 -2.49 27.39 10.01
C ALA B 73 -2.73 26.75 11.37
N SER B 74 -3.82 27.13 12.04
CA SER B 74 -4.05 26.63 13.39
C SER B 74 -4.29 25.12 13.34
N GLY B 75 -3.41 24.38 13.99
CA GLY B 75 -3.45 22.94 13.94
C GLY B 75 -2.52 22.29 12.93
N ALA B 76 -1.77 23.05 12.15
CA ALA B 76 -0.84 22.43 11.21
C ALA B 76 0.52 23.11 11.27
N GLU B 77 1.54 22.37 10.83
CA GLU B 77 2.86 22.93 10.61
C GLU B 77 2.90 23.50 9.20
N VAL B 78 3.45 24.70 9.06
CA VAL B 78 3.57 25.37 7.78
C VAL B 78 5.03 25.32 7.36
N VAL B 79 5.28 24.89 6.13
CA VAL B 79 6.63 24.81 5.58
C VAL B 79 6.66 25.53 4.24
N GLY B 80 7.85 25.94 3.83
CA GLY B 80 8.04 26.67 2.60
C GLY B 80 8.58 25.87 1.42
N SER B 81 8.93 24.61 1.63
CA SER B 81 9.30 23.73 0.54
C SER B 81 8.78 22.34 0.84
N LEU B 82 8.42 21.62 -0.22
CA LEU B 82 7.89 20.27 -0.02
C LEU B 82 8.90 19.42 0.74
N GLU B 83 10.20 19.57 0.41
CA GLU B 83 11.21 18.73 1.03
C GLU B 83 11.21 18.87 2.55
N GLU B 84 10.93 20.09 3.06
CA GLU B 84 10.83 20.30 4.50
C GLU B 84 9.68 19.54 5.14
N ALA B 85 8.66 19.17 4.37
CA ALA B 85 7.50 18.51 4.93
C ALA B 85 7.67 16.99 5.04
N LEU B 86 8.69 16.44 4.38
CA LEU B 86 8.89 15.00 4.22
C LEU B 86 9.96 14.49 5.17
N THR B 87 9.63 14.34 6.45
CA THR B 87 10.60 13.80 7.40
C THR B 87 10.22 12.44 7.98
N SER B 88 8.97 12.03 7.88
CA SER B 88 8.38 11.03 8.77
C SER B 88 8.63 9.62 8.27
N PRO B 89 8.34 8.60 9.10
CA PRO B 89 8.38 7.22 8.61
C PRO B 89 7.39 6.95 7.48
N GLU B 90 6.17 7.49 7.56
CA GLU B 90 5.17 7.33 6.51
C GLU B 90 4.47 8.65 6.33
N THR B 91 4.59 9.23 5.14
CA THR B 91 4.00 10.52 4.82
C THR B 91 3.10 10.35 3.60
N TRP B 92 1.88 10.88 3.68
CA TRP B 92 0.96 10.89 2.55
C TRP B 92 0.76 12.32 2.09
N VAL B 93 1.03 12.57 0.81
CA VAL B 93 0.76 13.86 0.19
C VAL B 93 -0.66 13.81 -0.33
N ILE B 94 -1.52 14.71 0.17
CA ILE B 94 -2.95 14.60 -0.03
C ILE B 94 -3.50 15.65 -0.98
N GLY B 95 -2.64 16.39 -1.67
CA GLY B 95 -3.05 17.34 -2.71
C GLY B 95 -2.70 18.76 -2.33
N GLY B 96 -3.05 19.69 -3.22
CA GLY B 96 -3.71 19.45 -4.48
C GLY B 96 -2.77 19.34 -5.66
N GLY B 97 -3.21 19.87 -6.81
CA GLY B 97 -2.50 19.62 -8.05
C GLY B 97 -1.08 20.14 -8.05
N GLN B 98 -0.88 21.37 -7.56
CA GLN B 98 0.48 21.90 -7.53
C GLN B 98 1.37 21.06 -6.63
N VAL B 99 0.87 20.64 -5.48
CA VAL B 99 1.71 19.90 -4.55
C VAL B 99 2.02 18.50 -5.08
N TYR B 100 1.08 17.83 -5.75
CA TYR B 100 1.40 16.53 -6.34
C TYR B 100 2.57 16.65 -7.32
N ALA B 101 2.57 17.71 -8.13
CA ALA B 101 3.65 17.88 -9.10
C ALA B 101 4.99 18.05 -8.41
N LEU B 102 5.02 18.76 -7.28
CA LEU B 102 6.27 18.91 -6.53
C LEU B 102 6.67 17.61 -5.84
N ALA B 103 5.70 16.82 -5.39
CA ALA B 103 5.97 15.65 -4.58
C ALA B 103 6.30 14.39 -5.37
N LEU B 104 5.83 14.29 -6.60
CA LEU B 104 5.99 13.04 -7.35
C LEU B 104 7.43 12.54 -7.41
N PRO B 105 8.46 13.37 -7.62
CA PRO B 105 9.83 12.84 -7.69
C PRO B 105 10.30 12.15 -6.41
N TYR B 106 9.65 12.42 -5.28
CA TYR B 106 10.02 11.83 -3.99
C TYR B 106 9.16 10.63 -3.62
N ALA B 107 8.22 10.24 -4.49
CA ALA B 107 7.18 9.29 -4.15
C ALA B 107 7.54 7.88 -4.57
N THR B 108 7.14 6.91 -3.76
CA THR B 108 7.26 5.51 -4.08
CA THR B 108 7.25 5.50 -4.11
C THR B 108 5.91 4.84 -4.35
N ARG B 109 4.82 5.41 -3.87
CA ARG B 109 3.48 4.85 -4.01
C ARG B 109 2.49 5.95 -4.36
N CYS B 110 1.51 5.61 -5.18
CA CYS B 110 0.32 6.42 -5.39
C CYS B 110 -0.91 5.55 -5.21
N GLU B 111 -1.86 6.04 -4.43
CA GLU B 111 -3.14 5.38 -4.21
C GLU B 111 -4.18 6.25 -4.90
N VAL B 112 -4.72 5.75 -6.01
CA VAL B 112 -5.53 6.55 -6.93
C VAL B 112 -6.94 5.99 -7.00
N THR B 113 -7.92 6.88 -6.84
CA THR B 113 -9.32 6.58 -7.12
C THR B 113 -9.70 7.20 -8.46
N GLU B 114 -10.22 6.38 -9.37
CA GLU B 114 -10.77 6.88 -10.63
C GLU B 114 -12.28 6.95 -10.51
N VAL B 115 -12.84 8.12 -10.75
CA VAL B 115 -14.29 8.34 -10.67
C VAL B 115 -14.81 8.41 -12.09
N ASP B 116 -15.75 7.52 -12.43
CA ASP B 116 -16.25 7.40 -13.80
C ASP B 116 -17.37 8.41 -14.06
N ILE B 117 -16.98 9.67 -14.14
CA ILE B 117 -17.85 10.74 -14.58
C ILE B 117 -17.13 11.46 -15.71
N GLY B 118 -17.85 11.79 -16.76
CA GLY B 118 -17.24 12.47 -17.88
C GLY B 118 -17.14 13.95 -17.57
N LEU B 119 -16.05 14.33 -16.92
CA LEU B 119 -15.81 15.67 -16.39
C LEU B 119 -14.72 16.32 -17.24
N PRO B 120 -15.08 17.15 -18.19
CA PRO B 120 -14.08 17.78 -19.07
C PRO B 120 -13.11 18.65 -18.28
N ARG B 121 -11.87 18.69 -18.76
CA ARG B 121 -10.87 19.55 -18.18
C ARG B 121 -11.13 20.98 -18.58
N GLU B 122 -11.17 21.88 -17.60
CA GLU B 122 -11.45 23.29 -17.84
C GLU B 122 -10.23 24.08 -17.38
N ALA B 123 -9.97 25.20 -18.05
CA ALA B 123 -8.90 26.09 -17.62
C ALA B 123 -9.05 26.41 -16.14
N GLY B 124 -7.93 26.34 -15.42
CA GLY B 124 -7.93 26.59 -13.99
C GLY B 124 -8.16 25.37 -13.12
N ASP B 125 -8.60 24.25 -13.70
CA ASP B 125 -8.78 23.04 -12.92
C ASP B 125 -7.47 22.55 -12.35
N ALA B 126 -7.55 21.96 -11.16
CA ALA B 126 -6.44 21.18 -10.63
C ALA B 126 -6.50 19.78 -11.23
N LEU B 127 -5.33 19.28 -11.62
CA LEU B 127 -5.20 17.98 -12.29
C LEU B 127 -4.34 17.04 -11.47
N ALA B 128 -4.64 15.76 -11.61
CA ALA B 128 -3.77 14.71 -11.11
C ALA B 128 -2.49 14.63 -11.94
N PRO B 129 -1.40 14.16 -11.36
CA PRO B 129 -0.21 13.91 -12.18
C PRO B 129 -0.43 12.69 -13.06
N VAL B 130 0.20 12.71 -14.23
CA VAL B 130 0.16 11.55 -15.12
C VAL B 130 1.32 10.64 -14.73
N LEU B 131 1.02 9.37 -14.48
CA LEU B 131 2.04 8.41 -14.08
C LEU B 131 2.56 7.70 -15.32
N ASP B 132 3.86 7.75 -15.53
CA ASP B 132 4.46 7.13 -16.69
C ASP B 132 4.59 5.62 -16.48
N GLU B 133 5.26 4.94 -17.40
CA GLU B 133 5.36 3.49 -17.31
C GLU B 133 6.34 3.00 -16.26
N THR B 134 7.12 3.88 -15.62
CA THR B 134 7.95 3.45 -14.50
C THR B 134 7.13 3.16 -13.25
N TRP B 135 5.88 3.58 -13.22
CA TRP B 135 4.97 3.29 -12.12
C TRP B 135 4.23 2.03 -12.51
N ARG B 136 4.17 1.03 -11.66
CA ARG B 136 3.39 -0.08 -12.12
C ARG B 136 2.17 -0.22 -11.25
N GLY B 137 1.03 -0.25 -11.89
CA GLY B 137 -0.23 -0.22 -11.21
C GLY B 137 -0.96 -1.55 -11.27
N GLU B 138 -1.83 -1.77 -10.29
CA GLU B 138 -2.76 -2.88 -10.28
C GLU B 138 -4.17 -2.29 -10.20
N THR B 139 -5.05 -2.74 -11.10
CA THR B 139 -6.33 -2.10 -11.31
C THR B 139 -7.39 -2.85 -10.51
N GLY B 140 -8.23 -2.10 -9.79
CA GLY B 140 -9.32 -2.73 -9.07
C GLY B 140 -10.55 -2.84 -9.93
N GLU B 141 -11.51 -3.63 -9.43
CA GLU B 141 -12.78 -3.77 -10.13
C GLU B 141 -13.59 -2.49 -10.00
N TRP B 142 -14.42 -2.22 -11.01
CA TRP B 142 -15.37 -1.12 -10.94
C TRP B 142 -16.41 -1.38 -9.86
N ARG B 143 -16.75 -0.33 -9.10
CA ARG B 143 -17.85 -0.41 -8.15
C ARG B 143 -18.80 0.75 -8.34
N PHE B 144 -20.03 0.55 -7.86
CA PHE B 144 -21.02 1.62 -7.78
C PHE B 144 -21.07 2.12 -6.34
N SER B 145 -20.91 3.43 -6.18
CA SER B 145 -21.00 4.09 -4.89
C SER B 145 -22.44 4.33 -4.48
N ARG B 146 -22.63 4.44 -3.16
CA ARG B 146 -23.90 4.93 -2.62
C ARG B 146 -24.31 6.27 -3.18
N SER B 147 -23.38 7.05 -3.75
CA SER B 147 -23.71 8.34 -4.36
C SER B 147 -24.22 8.21 -5.78
N GLY B 148 -24.07 7.04 -6.40
CA GLY B 148 -24.51 6.81 -7.76
C GLY B 148 -23.39 6.75 -8.76
N LEU B 149 -22.19 7.17 -8.38
CA LEU B 149 -21.09 7.21 -9.31
C LEU B 149 -20.35 5.88 -9.33
N ARG B 150 -19.89 5.48 -10.52
CA ARG B 150 -19.00 4.33 -10.63
C ARG B 150 -17.56 4.76 -10.38
N TYR B 151 -16.77 3.88 -9.75
CA TYR B 151 -15.40 4.21 -9.40
C TYR B 151 -14.55 2.94 -9.30
N ARG B 152 -13.23 3.12 -9.34
CA ARG B 152 -12.33 2.00 -9.06
C ARG B 152 -11.02 2.53 -8.47
N LEU B 153 -10.33 1.63 -7.77
CA LEU B 153 -9.10 1.95 -7.03
C LEU B 153 -7.89 1.35 -7.71
N TYR B 154 -6.83 2.14 -7.83
CA TYR B 154 -5.51 1.69 -8.29
C TYR B 154 -4.48 1.83 -7.19
N SER B 155 -3.56 0.88 -7.12
CA SER B 155 -2.37 1.00 -6.28
C SER B 155 -1.15 1.00 -7.18
N TYR B 156 -0.44 2.12 -7.23
CA TYR B 156 0.77 2.27 -8.02
C TYR B 156 2.00 2.24 -7.13
N HIS B 157 3.08 1.64 -7.66
CA HIS B 157 4.32 1.49 -6.94
C HIS B 157 5.52 1.64 -7.86
N ARG B 158 6.65 2.09 -7.29
CA ARG B 158 7.95 1.92 -7.94
C ARG B 158 9.06 1.78 -6.90
N SER B 159 10.19 1.23 -7.35
CA SER B 159 11.32 0.93 -6.49
C SER B 159 12.41 1.98 -6.58
#